data_5HUW
#
_entry.id   5HUW
#
_cell.length_a   78.260
_cell.length_b   90.728
_cell.length_c   97.659
_cell.angle_alpha   90.00
_cell.angle_beta   90.00
_cell.angle_gamma   90.00
#
_symmetry.space_group_name_H-M   'P 21 21 21'
#
loop_
_entity.id
_entity.type
_entity.pdbx_description
1 polymer 'Importin subunit alpha-1'
2 polymer 'HSV1 large terminase NLS'
3 water water
#
loop_
_entity_poly.entity_id
_entity_poly.type
_entity_poly.pdbx_seq_one_letter_code
_entity_poly.pdbx_strand_id
1 'polypeptide(L)'
;STNENANLPAARLNRFKNKGKDSTEMRRRRIEVNVELRKAKKDEQMLKRRNVSSFPDDATSPLQENRNNQGTVNWSVEDI
VKGINSNNLESQLQATQAARKLLSREKQPPIDNIIRAGLIPKFVSFLGKTDCSPIQFESAWALTNIASGTSEQTKAVVDG
GAIPAFISLLASPHAHISEQAVWALGNIAGDGSAFRDLVIKHGAIDPLLALLAVPDLSTLACGYLRNLTWTLSNLCRNKN
PAPPLDAVEQILPTLVRLLHHNDPEVLADSCWAISYLTDGPNERIEMVVKKGVVPQLVKLLGATELPIVTPALRAIGNIV
TGTDEQTQKVIDAGALAVFPSLLTNPKTNIQKEATWTMSNITAGRQDQIQQVVNHGLVPFLVGVLSKADFKTQKEAAWAI
TNYTSGGTVEQIVYLVHCGIIEPLMNLLSAKDTKIIQVILDAISNIFQAAEKLGETEKLSIMIEECGGLDKIEALQRHEN
ESVYKASLNLIEKYFSVEEEEDQNVVPETTSEGFAFQVQDGAPGTFNF
;
C
2 'polypeptide(L)' GPPKKRAKVDVA A,B
#
# COMPACT_ATOMS: atom_id res chain seq x y z
N ASN A 74 27.02 28.09 10.65
CA ASN A 74 25.63 28.51 10.82
C ASN A 74 25.35 29.90 10.24
N TRP A 75 25.26 30.00 8.92
CA TRP A 75 25.04 31.31 8.32
C TRP A 75 23.60 31.77 8.51
N SER A 76 23.41 33.08 8.47
CA SER A 76 22.08 33.65 8.33
C SER A 76 21.63 33.56 6.88
N VAL A 77 20.31 33.55 6.68
CA VAL A 77 19.78 33.59 5.32
C VAL A 77 20.26 34.83 4.60
N GLU A 78 20.36 35.95 5.33
CA GLU A 78 20.82 37.19 4.72
C GLU A 78 22.24 37.07 4.18
N ASP A 79 23.13 36.39 4.90
CA ASP A 79 24.48 36.20 4.41
C ASP A 79 24.53 35.22 3.24
N ILE A 80 23.68 34.20 3.26
CA ILE A 80 23.60 33.29 2.11
C ILE A 80 23.21 34.08 0.88
N VAL A 81 22.22 34.96 1.01
CA VAL A 81 21.77 35.78 -0.12
C VAL A 81 22.91 36.64 -0.64
N LYS A 82 23.63 37.28 0.27
CA LYS A 82 24.75 38.12 -0.15
C LYS A 82 25.81 37.29 -0.88
N GLY A 83 26.10 36.08 -0.39
CA GLY A 83 27.06 35.24 -1.07
C GLY A 83 26.60 34.82 -2.45
N ILE A 84 25.31 34.45 -2.56
CA ILE A 84 24.82 33.94 -3.84
C ILE A 84 24.68 35.08 -4.85
N ASN A 85 24.44 36.31 -4.40
CA ASN A 85 24.35 37.46 -5.29
C ASN A 85 25.72 38.04 -5.65
N SER A 86 26.81 37.46 -5.17
CA SER A 86 28.13 38.05 -5.38
C SER A 86 28.62 37.90 -6.82
N ASN A 87 28.07 36.97 -7.58
CA ASN A 87 28.59 36.63 -8.91
C ASN A 87 30.07 36.24 -8.86
N ASN A 88 30.47 35.63 -7.76
CA ASN A 88 31.80 35.04 -7.58
C ASN A 88 31.49 33.56 -7.38
N LEU A 89 31.91 32.71 -8.32
CA LEU A 89 31.49 31.31 -8.27
C LEU A 89 31.87 30.66 -6.94
N GLU A 90 33.08 30.92 -6.45
CA GLU A 90 33.50 30.31 -5.20
C GLU A 90 32.71 30.86 -4.01
N SER A 91 32.45 32.18 -3.97
CA SER A 91 31.57 32.71 -2.93
C SER A 91 30.17 32.10 -3.02
N GLN A 92 29.68 31.90 -4.25
CA GLN A 92 28.37 31.26 -4.42
C GLN A 92 28.38 29.82 -3.93
N LEU A 93 29.46 29.08 -4.20
CA LEU A 93 29.57 27.71 -3.69
C LEU A 93 29.54 27.67 -2.17
N GLN A 94 30.34 28.52 -1.53
CA GLN A 94 30.36 28.53 -0.07
C GLN A 94 28.99 28.89 0.50
N ALA A 95 28.30 29.84 -0.14
CA ALA A 95 26.97 30.21 0.35
C ALA A 95 25.96 29.10 0.08
N THR A 96 26.09 28.40 -1.05
CA THR A 96 25.17 27.29 -1.32
C THR A 96 25.40 26.15 -0.33
N GLN A 97 26.66 25.86 -0.01
CA GLN A 97 26.92 24.88 1.04
C GLN A 97 26.32 25.31 2.37
N ALA A 98 26.48 26.59 2.74
CA ALA A 98 25.86 27.08 3.98
C ALA A 98 24.34 26.87 3.96
N ALA A 99 23.71 27.13 2.81
CA ALA A 99 22.27 26.89 2.70
C ALA A 99 21.94 25.41 2.85
N ARG A 100 22.76 24.54 2.25
CA ARG A 100 22.55 23.11 2.39
C ARG A 100 22.60 22.69 3.86
N LYS A 101 23.52 23.29 4.62
CA LYS A 101 23.67 22.89 6.02
C LYS A 101 22.50 23.36 6.87
N LEU A 102 22.00 24.58 6.64
CA LEU A 102 20.74 24.99 7.27
C LEU A 102 19.62 24.01 6.96
N LEU A 103 19.51 23.60 5.69
CA LEU A 103 18.39 22.79 5.25
C LEU A 103 18.52 21.35 5.70
N SER A 104 19.71 20.93 6.08
CA SER A 104 19.90 19.56 6.44
C SER A 104 20.20 19.30 7.91
N ARG A 105 20.47 20.33 8.67
CA ARG A 105 20.98 20.14 10.02
C ARG A 105 20.10 20.75 11.08
N GLU A 106 19.37 21.78 10.72
CA GLU A 106 18.38 22.31 11.64
C GLU A 106 17.20 21.39 11.70
N LYS A 107 16.68 21.22 12.91
CA LYS A 107 15.44 20.53 13.18
C LYS A 107 14.19 21.16 12.65
N GLN A 108 14.07 22.48 12.69
CA GLN A 108 13.11 23.10 11.79
C GLN A 108 13.82 23.94 10.78
N PRO A 109 14.11 23.27 9.60
CA PRO A 109 14.93 24.03 8.65
C PRO A 109 14.14 25.16 8.08
N PRO A 110 14.85 26.32 7.81
CA PRO A 110 14.02 27.43 7.34
C PRO A 110 13.72 27.45 5.84
N ILE A 111 12.92 26.49 5.44
CA ILE A 111 12.57 26.32 4.03
C ILE A 111 11.87 27.57 3.49
N ASP A 112 10.85 28.04 4.19
CA ASP A 112 10.08 29.18 3.67
C ASP A 112 10.95 30.43 3.59
N ASN A 113 11.87 30.60 4.53
CA ASN A 113 12.75 31.77 4.48
C ASN A 113 13.64 31.70 3.25
N ILE A 114 14.18 30.52 2.95
CA ILE A 114 15.01 30.33 1.76
C ILE A 114 14.20 30.59 0.51
N ILE A 115 12.94 30.12 0.49
CA ILE A 115 12.10 30.35 -0.69
C ILE A 115 11.79 31.84 -0.85
N ARG A 116 11.42 32.49 0.26
CA ARG A 116 11.05 33.91 0.21
C ARG A 116 12.22 34.77 -0.18
N ALA A 117 13.44 34.37 0.19
CA ALA A 117 14.64 35.09 -0.24
C ALA A 117 14.87 34.99 -1.74
N GLY A 118 14.13 34.16 -2.46
CA GLY A 118 14.33 34.07 -3.90
C GLY A 118 15.49 33.22 -4.34
N LEU A 119 15.94 32.29 -3.50
CA LEU A 119 17.14 31.52 -3.82
C LEU A 119 16.90 30.35 -4.79
N ILE A 120 15.67 29.88 -4.96
CA ILE A 120 15.45 28.66 -5.75
C ILE A 120 15.93 28.83 -7.19
N PRO A 121 15.59 29.91 -7.91
CA PRO A 121 16.13 30.07 -9.27
C PRO A 121 17.65 30.02 -9.34
N LYS A 122 18.35 30.60 -8.36
CA LYS A 122 19.79 30.53 -8.37
C LYS A 122 20.28 29.11 -8.16
N PHE A 123 19.69 28.39 -7.18
CA PHE A 123 20.04 26.99 -7.00
C PHE A 123 19.82 26.19 -8.28
N VAL A 124 18.69 26.44 -8.97
CA VAL A 124 18.42 25.68 -10.19
C VAL A 124 19.48 25.98 -11.24
N SER A 125 19.87 27.26 -11.38
CA SER A 125 20.87 27.56 -12.38
C SER A 125 22.22 26.91 -12.03
N PHE A 126 22.52 26.74 -10.73
CA PHE A 126 23.75 26.06 -10.35
C PHE A 126 23.77 24.59 -10.74
N LEU A 127 22.60 23.97 -10.92
CA LEU A 127 22.57 22.57 -11.34
C LEU A 127 23.23 22.37 -12.70
N GLY A 128 23.25 23.40 -13.52
CA GLY A 128 23.86 23.33 -14.83
C GLY A 128 25.35 23.65 -14.89
N LYS A 129 26.01 23.96 -13.77
CA LYS A 129 27.43 24.33 -13.78
C LYS A 129 28.29 23.08 -13.84
N THR A 130 28.36 22.50 -15.04
CA THR A 130 29.12 21.26 -15.25
C THR A 130 30.59 21.42 -14.86
N ASP A 131 31.14 22.63 -14.96
CA ASP A 131 32.54 22.85 -14.60
C ASP A 131 32.77 22.91 -13.09
N CYS A 132 31.72 23.05 -12.30
CA CYS A 132 31.85 23.13 -10.85
C CYS A 132 30.92 22.09 -10.24
N SER A 133 31.30 20.82 -10.39
CA SER A 133 30.48 19.76 -9.82
C SER A 133 30.22 19.94 -8.33
N PRO A 134 31.12 20.51 -7.50
CA PRO A 134 30.73 20.77 -6.10
C PRO A 134 29.48 21.64 -5.95
N ILE A 135 29.32 22.70 -6.76
CA ILE A 135 28.12 23.51 -6.59
C ILE A 135 26.90 22.81 -7.19
N GLN A 136 27.08 21.92 -8.17
CA GLN A 136 25.97 21.10 -8.63
C GLN A 136 25.43 20.24 -7.49
N PHE A 137 26.33 19.61 -6.73
CA PHE A 137 25.93 18.72 -5.65
C PHE A 137 25.25 19.50 -4.52
N GLU A 138 25.89 20.59 -4.05
CA GLU A 138 25.32 21.36 -2.96
C GLU A 138 23.94 21.92 -3.32
N SER A 139 23.78 22.44 -4.54
CA SER A 139 22.45 22.95 -4.89
C SER A 139 21.45 21.82 -5.06
N ALA A 140 21.88 20.67 -5.59
CA ALA A 140 20.98 19.52 -5.71
C ALA A 140 20.46 19.08 -4.34
N TRP A 141 21.37 19.04 -3.35
CA TRP A 141 21.00 18.68 -1.99
C TRP A 141 20.06 19.71 -1.39
N ALA A 142 20.40 21.00 -1.51
CA ALA A 142 19.52 22.04 -0.98
C ALA A 142 18.14 21.95 -1.60
N LEU A 143 18.07 21.81 -2.92
CA LEU A 143 16.77 21.72 -3.57
C LEU A 143 16.04 20.43 -3.22
N THR A 144 16.78 19.33 -3.01
CA THR A 144 16.15 18.08 -2.56
C THR A 144 15.37 18.32 -1.28
N ASN A 145 15.97 19.03 -0.33
CA ASN A 145 15.34 19.19 0.96
C ASN A 145 14.18 20.17 0.90
N ILE A 146 14.31 21.23 0.10
CA ILE A 146 13.17 22.11 -0.11
C ILE A 146 12.01 21.32 -0.70
N ALA A 147 12.29 20.46 -1.68
CA ALA A 147 11.23 19.67 -2.31
C ALA A 147 10.68 18.60 -1.40
N SER A 148 11.37 18.27 -0.30
CA SER A 148 10.87 17.27 0.64
C SER A 148 9.75 17.80 1.54
N GLY A 149 9.40 19.08 1.44
CA GLY A 149 8.45 19.65 2.38
C GLY A 149 7.02 19.59 1.91
N THR A 150 6.26 20.64 2.18
CA THR A 150 4.84 20.71 1.83
C THR A 150 4.69 20.76 0.31
N SER A 151 3.45 20.54 -0.15
CA SER A 151 3.19 20.67 -1.59
C SER A 151 3.55 22.06 -2.10
N GLU A 152 3.31 23.10 -1.29
CA GLU A 152 3.69 24.43 -1.76
C GLU A 152 5.20 24.58 -1.88
N GLN A 153 5.97 23.93 -0.99
CA GLN A 153 7.41 24.02 -1.09
C GLN A 153 7.93 23.22 -2.28
N THR A 154 7.40 22.00 -2.47
CA THR A 154 7.74 21.26 -3.67
C THR A 154 7.39 22.05 -4.93
N LYS A 155 6.21 22.70 -4.94
CA LYS A 155 5.82 23.49 -6.11
C LYS A 155 6.82 24.61 -6.39
N ALA A 156 7.38 25.22 -5.34
CA ALA A 156 8.36 26.28 -5.58
C ALA A 156 9.57 25.74 -6.33
N VAL A 157 10.00 24.52 -6.02
CA VAL A 157 11.13 23.91 -6.72
C VAL A 157 10.77 23.63 -8.17
N VAL A 158 9.59 23.04 -8.41
CA VAL A 158 9.16 22.81 -9.79
C VAL A 158 9.02 24.13 -10.55
N ASP A 159 8.41 25.13 -9.92
CA ASP A 159 8.21 26.43 -10.58
C ASP A 159 9.52 27.10 -10.93
N GLY A 160 10.63 26.75 -10.28
CA GLY A 160 11.94 27.30 -10.63
C GLY A 160 12.62 26.62 -11.79
N GLY A 161 11.98 25.65 -12.43
CA GLY A 161 12.58 24.95 -13.54
C GLY A 161 13.39 23.73 -13.16
N ALA A 162 13.22 23.20 -11.95
CA ALA A 162 14.15 22.18 -11.48
C ALA A 162 13.99 20.83 -12.19
N ILE A 163 12.81 20.53 -12.75
CA ILE A 163 12.61 19.19 -13.29
C ILE A 163 13.56 18.90 -14.45
N PRO A 164 13.59 19.68 -15.53
CA PRO A 164 14.53 19.35 -16.61
C PRO A 164 15.98 19.43 -16.15
N ALA A 165 16.29 20.30 -15.19
CA ALA A 165 17.66 20.46 -14.72
C ALA A 165 18.13 19.19 -14.01
N PHE A 166 17.29 18.64 -13.14
CA PHE A 166 17.61 17.38 -12.46
C PHE A 166 17.69 16.21 -13.44
N ILE A 167 16.82 16.18 -14.45
CA ILE A 167 16.88 15.09 -15.41
C ILE A 167 18.21 15.12 -16.16
N SER A 168 18.69 16.33 -16.51
CA SER A 168 20.00 16.45 -17.13
C SER A 168 21.10 15.97 -16.20
N LEU A 169 20.96 16.21 -14.91
CA LEU A 169 21.98 15.79 -13.94
C LEU A 169 22.04 14.29 -13.77
N LEU A 170 21.01 13.56 -14.17
CA LEU A 170 21.08 12.10 -14.10
C LEU A 170 22.25 11.55 -14.91
N ALA A 171 22.74 12.31 -15.89
CA ALA A 171 23.86 11.87 -16.73
C ALA A 171 25.21 12.25 -16.16
N SER A 172 25.26 12.79 -14.95
CA SER A 172 26.54 13.26 -14.41
C SER A 172 27.50 12.08 -14.25
N PRO A 173 28.79 12.28 -14.55
CA PRO A 173 29.77 11.21 -14.32
C PRO A 173 30.06 10.97 -12.85
N HIS A 174 29.56 11.84 -11.97
CA HIS A 174 29.76 11.73 -10.53
C HIS A 174 28.55 11.04 -9.92
N ALA A 175 28.76 9.84 -9.38
CA ALA A 175 27.64 9.05 -8.89
C ALA A 175 26.89 9.75 -7.77
N HIS A 176 27.61 10.52 -6.92
CA HIS A 176 26.90 11.18 -5.82
C HIS A 176 26.01 12.30 -6.33
N ILE A 177 26.34 12.91 -7.47
CA ILE A 177 25.49 13.96 -8.01
C ILE A 177 24.30 13.38 -8.75
N SER A 178 24.54 12.37 -9.59
CA SER A 178 23.45 11.63 -10.23
C SER A 178 22.44 11.15 -9.20
N GLU A 179 22.95 10.54 -8.13
CA GLU A 179 22.08 10.02 -7.07
C GLU A 179 21.28 11.14 -6.42
N GLN A 180 21.89 12.31 -6.23
CA GLN A 180 21.15 13.41 -5.62
C GLN A 180 20.01 13.87 -6.53
N ALA A 181 20.22 13.85 -7.85
CA ALA A 181 19.15 14.20 -8.77
C ALA A 181 18.04 13.15 -8.73
N VAL A 182 18.40 11.87 -8.62
CA VAL A 182 17.41 10.81 -8.46
C VAL A 182 16.52 11.09 -7.26
N TRP A 183 17.17 11.39 -6.12
CA TRP A 183 16.46 11.66 -4.88
C TRP A 183 15.51 12.84 -5.04
N ALA A 184 16.01 13.94 -5.63
CA ALA A 184 15.18 15.13 -5.80
C ALA A 184 13.97 14.83 -6.68
N LEU A 185 14.17 14.09 -7.78
CA LEU A 185 13.04 13.74 -8.62
C LEU A 185 12.04 12.87 -7.88
N GLY A 186 12.53 12.00 -6.98
CA GLY A 186 11.64 11.20 -6.16
C GLY A 186 10.76 12.06 -5.26
N ASN A 187 11.33 13.11 -4.68
CA ASN A 187 10.52 14.02 -3.85
C ASN A 187 9.47 14.74 -4.68
N ILE A 188 9.83 15.20 -5.88
CA ILE A 188 8.88 15.91 -6.72
C ILE A 188 7.75 14.97 -7.14
N ALA A 189 8.08 13.79 -7.65
CA ALA A 189 7.05 12.82 -8.02
C ALA A 189 6.21 12.40 -6.83
N GLY A 190 6.85 12.30 -5.65
CA GLY A 190 6.12 11.91 -4.45
C GLY A 190 5.04 12.89 -4.03
N ASP A 191 5.00 14.08 -4.61
CA ASP A 191 3.98 15.03 -4.18
C ASP A 191 2.57 14.60 -4.57
N GLY A 192 2.41 13.90 -5.68
CA GLY A 192 1.09 13.53 -6.16
C GLY A 192 1.13 13.22 -7.64
N SER A 193 -0.04 12.88 -8.18
CA SER A 193 -0.10 12.39 -9.56
C SER A 193 0.30 13.46 -10.58
N ALA A 194 0.00 14.74 -10.31
CA ALA A 194 0.29 15.77 -11.29
C ALA A 194 1.79 15.96 -11.47
N PHE A 195 2.52 16.12 -10.36
CA PHE A 195 3.98 16.26 -10.48
C PHE A 195 4.62 14.94 -10.90
N ARG A 196 4.05 13.81 -10.46
CA ARG A 196 4.53 12.52 -10.98
C ARG A 196 4.45 12.50 -12.51
N ASP A 197 3.27 12.79 -13.07
CA ASP A 197 3.12 12.77 -14.51
C ASP A 197 3.95 13.84 -15.20
N LEU A 198 4.20 14.97 -14.52
CA LEU A 198 5.05 16.00 -15.10
C LEU A 198 6.51 15.55 -15.17
N VAL A 199 6.99 14.87 -14.13
CA VAL A 199 8.33 14.31 -14.17
C VAL A 199 8.45 13.30 -15.32
N ILE A 200 7.40 12.52 -15.54
CA ILE A 200 7.39 11.55 -16.63
C ILE A 200 7.37 12.25 -17.98
N LYS A 201 6.58 13.32 -18.10
CA LYS A 201 6.52 14.02 -19.40
C LYS A 201 7.86 14.67 -19.76
N HIS A 202 8.62 15.12 -18.75
CA HIS A 202 9.94 15.69 -19.03
C HIS A 202 10.96 14.61 -19.39
N GLY A 203 10.59 13.33 -19.40
CA GLY A 203 11.48 12.29 -19.84
C GLY A 203 12.39 11.70 -18.78
N ALA A 204 11.95 11.60 -17.53
CA ALA A 204 12.83 11.06 -16.49
C ALA A 204 13.03 9.55 -16.60
N ILE A 205 12.09 8.82 -17.19
CA ILE A 205 12.10 7.36 -17.02
C ILE A 205 13.29 6.73 -17.75
N ASP A 206 13.55 7.13 -19.00
CA ASP A 206 14.65 6.52 -19.73
C ASP A 206 15.99 6.68 -19.01
N PRO A 207 16.41 7.89 -18.58
CA PRO A 207 17.70 7.97 -17.89
C PRO A 207 17.69 7.31 -16.52
N LEU A 208 16.58 7.31 -15.81
CA LEU A 208 16.53 6.57 -14.55
C LEU A 208 16.78 5.10 -14.77
N LEU A 209 16.05 4.50 -15.72
CA LEU A 209 16.22 3.09 -15.99
C LEU A 209 17.61 2.80 -16.53
N ALA A 210 18.20 3.73 -17.29
CA ALA A 210 19.54 3.52 -17.82
C ALA A 210 20.56 3.36 -16.69
N LEU A 211 20.36 4.01 -15.55
CA LEU A 211 21.30 3.86 -14.44
C LEU A 211 21.27 2.45 -13.85
N LEU A 212 20.22 1.68 -14.09
CA LEU A 212 20.08 0.34 -13.55
C LEU A 212 20.36 -0.74 -14.59
N ALA A 213 20.87 -0.35 -15.77
CA ALA A 213 21.06 -1.29 -16.87
C ALA A 213 22.46 -1.92 -16.76
N VAL A 214 22.62 -2.72 -15.72
CA VAL A 214 23.83 -3.51 -15.49
C VAL A 214 23.39 -4.97 -15.43
N PRO A 215 24.27 -5.92 -15.75
CA PRO A 215 23.88 -7.34 -15.72
C PRO A 215 23.54 -7.84 -14.32
N ASP A 216 24.18 -7.28 -13.29
CA ASP A 216 23.95 -7.72 -11.91
C ASP A 216 23.85 -6.48 -11.04
N LEU A 217 22.68 -6.26 -10.45
CA LEU A 217 22.47 -5.11 -9.56
C LEU A 217 23.45 -5.07 -8.41
N SER A 218 23.98 -6.24 -8.01
CA SER A 218 24.91 -6.30 -6.89
C SER A 218 26.21 -5.54 -7.14
N THR A 219 26.49 -5.13 -8.38
CA THR A 219 27.69 -4.34 -8.59
C THR A 219 27.47 -2.85 -8.32
N LEU A 220 26.23 -2.44 -8.04
CA LEU A 220 25.92 -1.05 -7.77
C LEU A 220 26.07 -0.78 -6.27
N ALA A 221 26.44 0.45 -5.95
CA ALA A 221 26.53 0.84 -4.55
C ALA A 221 25.16 0.73 -3.89
N CYS A 222 25.16 0.28 -2.65
CA CYS A 222 23.92 -0.03 -1.93
C CYS A 222 23.02 1.20 -1.79
N GLY A 223 23.57 2.31 -1.27
CA GLY A 223 22.74 3.49 -1.09
C GLY A 223 22.19 4.03 -2.40
N TYR A 224 23.02 3.98 -3.45
CA TYR A 224 22.62 4.39 -4.78
C TYR A 224 21.43 3.57 -5.28
N LEU A 225 21.49 2.25 -5.10
CA LEU A 225 20.41 1.39 -5.57
C LEU A 225 19.12 1.60 -4.76
N ARG A 226 19.25 1.88 -3.47
CA ARG A 226 18.06 2.15 -2.65
C ARG A 226 17.36 3.42 -3.10
N ASN A 227 18.13 4.46 -3.43
CA ASN A 227 17.54 5.73 -3.85
C ASN A 227 16.83 5.59 -5.18
N LEU A 228 17.43 4.89 -6.13
CA LEU A 228 16.76 4.64 -7.42
C LEU A 228 15.48 3.83 -7.24
N THR A 229 15.52 2.78 -6.41
CA THR A 229 14.31 1.99 -6.16
C THR A 229 13.20 2.87 -5.58
N TRP A 230 13.55 3.67 -4.57
CA TRP A 230 12.55 4.52 -3.94
C TRP A 230 11.96 5.51 -4.93
N THR A 231 12.80 6.16 -5.75
CA THR A 231 12.27 7.13 -6.72
C THR A 231 11.38 6.44 -7.76
N LEU A 232 11.78 5.25 -8.22
CA LEU A 232 10.93 4.54 -9.17
C LEU A 232 9.60 4.16 -8.53
N SER A 233 9.60 3.82 -7.23
CA SER A 233 8.35 3.48 -6.57
C SER A 233 7.40 4.68 -6.51
N ASN A 234 7.94 5.89 -6.34
CA ASN A 234 7.10 7.08 -6.38
C ASN A 234 6.56 7.37 -7.78
N LEU A 235 7.28 7.01 -8.83
CA LEU A 235 6.72 7.12 -10.17
C LEU A 235 5.59 6.11 -10.41
N CYS A 236 5.53 5.05 -9.62
CA CYS A 236 4.43 4.09 -9.68
C CYS A 236 3.27 4.44 -8.77
N ARG A 237 3.40 5.47 -7.95
CA ARG A 237 2.51 5.74 -6.83
C ARG A 237 1.39 6.70 -7.23
N ASN A 238 0.27 6.61 -6.48
CA ASN A 238 -0.90 7.49 -6.52
C ASN A 238 -1.88 7.12 -7.62
N LYS A 239 -3.15 7.46 -7.39
CA LYS A 239 -4.25 7.22 -8.31
C LYS A 239 -4.91 8.57 -8.62
N ASN A 240 -6.03 8.51 -9.31
CA ASN A 240 -6.76 9.71 -9.73
C ASN A 240 -5.85 10.78 -10.35
N PRO A 241 -5.17 10.45 -11.46
CA PRO A 241 -5.16 9.16 -12.21
C PRO A 241 -4.00 8.24 -11.79
N ALA A 242 -4.13 6.97 -12.10
CA ALA A 242 -3.00 6.06 -12.05
C ALA A 242 -1.92 6.50 -13.04
N PRO A 243 -0.68 6.04 -12.88
CA PRO A 243 0.40 6.44 -13.82
C PRO A 243 0.08 6.01 -15.24
N PRO A 244 0.66 6.69 -16.24
CA PRO A 244 0.37 6.32 -17.64
C PRO A 244 0.72 4.85 -17.89
N LEU A 245 -0.17 4.17 -18.62
CA LEU A 245 0.03 2.75 -18.88
C LEU A 245 1.39 2.48 -19.51
N ASP A 246 1.80 3.31 -20.47
CA ASP A 246 3.09 3.11 -21.13
C ASP A 246 4.26 3.32 -20.17
N ALA A 247 4.14 4.24 -19.22
CA ALA A 247 5.20 4.39 -18.23
C ALA A 247 5.30 3.14 -17.35
N VAL A 248 4.16 2.61 -16.92
CA VAL A 248 4.17 1.40 -16.10
C VAL A 248 4.81 0.25 -16.87
N GLU A 249 4.42 0.09 -18.13
CA GLU A 249 4.98 -0.99 -18.94
C GLU A 249 6.48 -0.84 -19.08
N GLN A 250 6.96 0.39 -19.21
CA GLN A 250 8.39 0.65 -19.34
C GLN A 250 9.14 0.37 -18.03
N ILE A 251 8.52 0.68 -16.89
CA ILE A 251 9.22 0.52 -15.61
C ILE A 251 9.23 -0.94 -15.15
N LEU A 252 8.21 -1.70 -15.50
CA LEU A 252 7.97 -2.97 -14.81
C LEU A 252 9.13 -3.96 -14.89
N PRO A 253 9.79 -4.18 -16.04
CA PRO A 253 10.90 -5.17 -16.03
C PRO A 253 12.01 -4.85 -15.04
N THR A 254 12.39 -3.58 -14.90
CA THR A 254 13.37 -3.16 -13.90
C THR A 254 12.83 -3.39 -12.49
N LEU A 255 11.57 -3.02 -12.27
CA LEU A 255 10.94 -3.24 -10.99
C LEU A 255 10.98 -4.72 -10.59
N VAL A 256 10.71 -5.59 -11.55
CA VAL A 256 10.69 -7.03 -11.29
C VAL A 256 12.06 -7.52 -10.84
N ARG A 257 13.10 -7.03 -11.49
CA ARG A 257 14.47 -7.36 -11.12
C ARG A 257 14.82 -6.90 -9.72
N LEU A 258 14.37 -5.69 -9.36
CA LEU A 258 14.58 -5.17 -8.02
C LEU A 258 13.86 -6.02 -6.98
N LEU A 259 12.65 -6.45 -7.30
CA LEU A 259 11.88 -7.31 -6.43
C LEU A 259 12.60 -8.63 -6.13
N HIS A 260 13.60 -9.00 -6.93
CA HIS A 260 14.39 -10.21 -6.70
C HIS A 260 15.77 -9.90 -6.11
N HIS A 261 16.02 -8.64 -5.77
CA HIS A 261 17.33 -8.27 -5.23
C HIS A 261 17.36 -8.49 -3.72
N ASN A 262 18.48 -8.94 -3.20
CA ASN A 262 18.56 -9.29 -1.78
C ASN A 262 19.15 -8.16 -0.94
N ASP A 263 18.46 -7.02 -0.96
CA ASP A 263 18.66 -5.94 0.02
C ASP A 263 17.30 -5.66 0.61
N PRO A 264 17.15 -5.69 1.95
CA PRO A 264 15.81 -5.56 2.52
C PRO A 264 15.16 -4.21 2.24
N GLU A 265 15.93 -3.14 2.11
CA GLU A 265 15.32 -1.85 1.79
C GLU A 265 14.90 -1.79 0.33
N VAL A 266 15.68 -2.38 -0.58
CA VAL A 266 15.27 -2.45 -1.98
C VAL A 266 14.00 -3.30 -2.10
N LEU A 267 13.96 -4.41 -1.37
CA LEU A 267 12.79 -5.30 -1.42
C LEU A 267 11.54 -4.60 -0.89
N ALA A 268 11.66 -3.85 0.20
CA ALA A 268 10.49 -3.17 0.76
C ALA A 268 9.90 -2.18 -0.24
N ASP A 269 10.75 -1.31 -0.80
CA ASP A 269 10.27 -0.28 -1.72
C ASP A 269 9.78 -0.88 -3.03
N SER A 270 10.43 -1.95 -3.49
CA SER A 270 9.97 -2.68 -4.67
C SER A 270 8.59 -3.28 -4.45
N CYS A 271 8.38 -3.82 -3.24
CA CYS A 271 7.06 -4.32 -2.86
C CYS A 271 6.03 -3.19 -2.83
N TRP A 272 6.44 -2.04 -2.32
CA TRP A 272 5.54 -0.89 -2.21
C TRP A 272 5.09 -0.42 -3.59
N ALA A 273 6.00 -0.42 -4.54
CA ALA A 273 5.69 -0.05 -5.92
C ALA A 273 4.67 -1.03 -6.51
N ILE A 274 4.91 -2.32 -6.30
CA ILE A 274 3.99 -3.34 -6.81
C ILE A 274 2.62 -3.19 -6.16
N SER A 275 2.59 -2.84 -4.87
CA SER A 275 1.30 -2.63 -4.22
C SER A 275 0.56 -1.44 -4.82
N TYR A 276 1.27 -0.37 -5.21
CA TYR A 276 0.60 0.74 -5.89
C TYR A 276 0.04 0.30 -7.24
N LEU A 277 0.84 -0.44 -8.02
CA LEU A 277 0.43 -0.83 -9.38
C LEU A 277 -0.74 -1.80 -9.39
N THR A 278 -0.93 -2.58 -8.32
CA THR A 278 -2.07 -3.49 -8.22
C THR A 278 -3.27 -2.85 -7.55
N ASP A 279 -3.15 -1.59 -7.11
CA ASP A 279 -4.25 -0.86 -6.47
C ASP A 279 -5.04 -0.16 -7.57
N GLY A 280 -5.86 -0.93 -8.28
CA GLY A 280 -6.60 -0.43 -9.41
C GLY A 280 -7.47 -1.47 -10.07
N PRO A 281 -8.00 -1.17 -11.26
CA PRO A 281 -8.89 -2.11 -11.95
C PRO A 281 -8.14 -3.35 -12.41
N ASN A 282 -8.91 -4.36 -12.85
CA ASN A 282 -8.33 -5.67 -13.14
C ASN A 282 -7.28 -5.62 -14.23
N GLU A 283 -7.41 -4.69 -15.19
CA GLU A 283 -6.41 -4.55 -16.25
C GLU A 283 -5.06 -4.13 -15.69
N ARG A 284 -5.07 -3.31 -14.63
CA ARG A 284 -3.79 -2.92 -14.02
C ARG A 284 -3.19 -4.09 -13.27
N ILE A 285 -4.02 -4.81 -12.52
CA ILE A 285 -3.56 -6.03 -11.83
C ILE A 285 -2.93 -7.00 -12.82
N GLU A 286 -3.57 -7.15 -13.99
CA GLU A 286 -3.13 -8.16 -14.97
C GLU A 286 -1.72 -7.86 -15.48
N MET A 287 -1.39 -6.59 -15.74
CA MET A 287 -0.05 -6.34 -16.26
C MET A 287 1.02 -6.66 -15.24
N VAL A 288 0.70 -6.63 -13.95
CA VAL A 288 1.66 -7.04 -12.93
C VAL A 288 1.71 -8.56 -12.83
N VAL A 289 0.54 -9.18 -12.77
CA VAL A 289 0.47 -10.64 -12.67
C VAL A 289 1.12 -11.30 -13.87
N LYS A 290 0.96 -10.69 -15.06
CA LYS A 290 1.58 -11.25 -16.27
C LYS A 290 3.11 -11.25 -16.20
N LYS A 291 3.72 -10.40 -15.37
CA LYS A 291 5.17 -10.43 -15.26
C LYS A 291 5.66 -11.56 -14.36
N GLY A 292 4.77 -12.38 -13.82
CA GLY A 292 5.19 -13.54 -13.05
C GLY A 292 5.67 -13.26 -11.65
N VAL A 293 5.26 -12.14 -11.04
CA VAL A 293 5.78 -11.75 -9.73
C VAL A 293 5.07 -12.38 -8.56
N VAL A 294 3.94 -13.05 -8.75
CA VAL A 294 3.18 -13.58 -7.62
C VAL A 294 4.00 -14.56 -6.80
N PRO A 295 4.74 -15.51 -7.39
CA PRO A 295 5.58 -16.39 -6.53
C PRO A 295 6.57 -15.61 -5.67
N GLN A 296 7.19 -14.57 -6.21
CA GLN A 296 8.12 -13.79 -5.40
C GLN A 296 7.38 -13.02 -4.30
N LEU A 297 6.21 -12.45 -4.62
CA LEU A 297 5.43 -11.78 -3.58
C LEU A 297 5.08 -12.72 -2.43
N VAL A 298 4.73 -13.98 -2.76
CA VAL A 298 4.40 -14.95 -1.71
C VAL A 298 5.62 -15.28 -0.89
N LYS A 299 6.78 -15.41 -1.53
CA LYS A 299 8.02 -15.61 -0.78
C LYS A 299 8.26 -14.45 0.17
N LEU A 300 8.10 -13.22 -0.32
CA LEU A 300 8.30 -12.06 0.54
C LEU A 300 7.23 -11.97 1.60
N LEU A 301 6.04 -12.50 1.32
CA LEU A 301 4.99 -12.56 2.32
C LEU A 301 5.45 -13.30 3.58
N GLY A 302 6.36 -14.24 3.44
CA GLY A 302 6.88 -14.95 4.59
C GLY A 302 8.16 -14.38 5.19
N ALA A 303 8.56 -13.18 4.82
CA ALA A 303 9.80 -12.63 5.35
C ALA A 303 9.70 -12.37 6.85
N THR A 304 10.86 -12.22 7.50
CA THR A 304 10.88 -11.86 8.91
C THR A 304 10.79 -10.35 9.11
N GLU A 305 11.13 -9.55 8.11
CA GLU A 305 11.13 -8.10 8.25
C GLU A 305 9.73 -7.57 7.98
N LEU A 306 9.09 -7.06 9.02
CA LEU A 306 7.80 -6.38 8.86
C LEU A 306 7.79 -5.33 7.75
N PRO A 307 8.85 -4.54 7.52
CA PRO A 307 8.81 -3.58 6.39
C PRO A 307 8.70 -4.25 5.04
N ILE A 308 9.00 -5.53 4.92
CA ILE A 308 8.78 -6.26 3.68
C ILE A 308 7.40 -6.91 3.65
N VAL A 309 6.99 -7.51 4.77
CA VAL A 309 5.70 -8.21 4.80
C VAL A 309 4.56 -7.23 4.56
N THR A 310 4.65 -6.03 5.12
CA THR A 310 3.54 -5.09 4.99
C THR A 310 3.20 -4.79 3.53
N PRO A 311 4.13 -4.35 2.67
CA PRO A 311 3.74 -4.12 1.28
C PRO A 311 3.48 -5.38 0.48
N ALA A 312 4.14 -6.50 0.80
CA ALA A 312 3.87 -7.74 0.09
C ALA A 312 2.44 -8.19 0.32
N LEU A 313 1.98 -8.09 1.58
CA LEU A 313 0.60 -8.44 1.89
C LEU A 313 -0.39 -7.46 1.26
N ARG A 314 -0.04 -6.17 1.21
CA ARG A 314 -0.96 -5.27 0.54
C ARG A 314 -1.09 -5.61 -0.95
N ALA A 315 0.04 -5.94 -1.59
CA ALA A 315 0.00 -6.28 -3.00
C ALA A 315 -0.80 -7.55 -3.24
N ILE A 316 -0.58 -8.56 -2.40
CA ILE A 316 -1.35 -9.80 -2.50
C ILE A 316 -2.84 -9.51 -2.29
N GLY A 317 -3.16 -8.70 -1.27
CA GLY A 317 -4.54 -8.32 -1.04
C GLY A 317 -5.17 -7.60 -2.22
N ASN A 318 -4.41 -6.71 -2.85
CA ASN A 318 -4.89 -6.03 -4.05
C ASN A 318 -5.19 -7.02 -5.16
N ILE A 319 -4.28 -7.97 -5.38
CA ILE A 319 -4.44 -8.89 -6.51
C ILE A 319 -5.73 -9.71 -6.36
N VAL A 320 -6.07 -10.14 -5.14
CA VAL A 320 -7.27 -10.95 -4.98
C VAL A 320 -8.55 -10.13 -4.99
N THR A 321 -8.48 -8.79 -5.13
CA THR A 321 -9.67 -8.04 -5.49
C THR A 321 -9.98 -8.15 -6.98
N GLY A 322 -9.15 -8.84 -7.75
CA GLY A 322 -9.33 -8.97 -9.19
C GLY A 322 -10.22 -10.14 -9.56
N THR A 323 -9.97 -10.71 -10.74
CA THR A 323 -10.77 -11.81 -11.23
C THR A 323 -10.48 -13.08 -10.44
N ASP A 324 -11.39 -14.05 -10.56
CA ASP A 324 -11.17 -15.36 -9.96
C ASP A 324 -9.88 -16.00 -10.46
N GLU A 325 -9.51 -15.73 -11.72
CA GLU A 325 -8.29 -16.30 -12.28
C GLU A 325 -7.05 -15.63 -11.69
N GLN A 326 -7.10 -14.32 -11.46
CA GLN A 326 -5.99 -13.65 -10.80
C GLN A 326 -5.86 -14.11 -9.36
N THR A 327 -7.00 -14.29 -8.68
CA THR A 327 -6.99 -14.84 -7.32
C THR A 327 -6.38 -16.24 -7.28
N GLN A 328 -6.64 -17.05 -8.32
CA GLN A 328 -6.11 -18.41 -8.35
C GLN A 328 -4.59 -18.43 -8.45
N LYS A 329 -3.97 -17.43 -9.09
CA LYS A 329 -2.51 -17.43 -9.15
C LYS A 329 -1.88 -17.22 -7.78
N VAL A 330 -2.55 -16.43 -6.92
CA VAL A 330 -2.10 -16.26 -5.54
C VAL A 330 -2.19 -17.58 -4.78
N ILE A 331 -3.31 -18.29 -4.94
CA ILE A 331 -3.47 -19.58 -4.28
C ILE A 331 -2.49 -20.59 -4.83
N ASP A 332 -2.37 -20.67 -6.16
CA ASP A 332 -1.42 -21.60 -6.78
C ASP A 332 0.00 -21.37 -6.26
N ALA A 333 0.37 -20.11 -6.01
CA ALA A 333 1.72 -19.77 -5.56
C ALA A 333 1.97 -20.18 -4.12
N GLY A 334 0.94 -20.60 -3.40
CA GLY A 334 1.10 -21.09 -2.04
C GLY A 334 0.84 -20.06 -0.96
N ALA A 335 0.11 -18.98 -1.28
CA ALA A 335 -0.07 -17.90 -0.30
C ALA A 335 -0.81 -18.38 0.95
N LEU A 336 -1.80 -19.27 0.78
CA LEU A 336 -2.67 -19.61 1.91
C LEU A 336 -1.90 -20.27 3.04
N ALA A 337 -0.76 -20.90 2.75
CA ALA A 337 0.02 -21.56 3.79
C ALA A 337 0.67 -20.57 4.74
N VAL A 338 0.71 -19.29 4.38
CA VAL A 338 1.25 -18.26 5.27
C VAL A 338 0.20 -17.69 6.19
N PHE A 339 -1.08 -17.94 5.92
CA PHE A 339 -2.10 -17.20 6.64
C PHE A 339 -2.33 -17.64 8.09
N PRO A 340 -2.03 -18.87 8.50
CA PRO A 340 -2.07 -19.15 9.96
C PRO A 340 -1.27 -18.15 10.77
N SER A 341 -0.06 -17.80 10.33
CA SER A 341 0.73 -16.83 11.08
C SER A 341 0.27 -15.39 10.82
N LEU A 342 -0.12 -15.05 9.59
CA LEU A 342 -0.62 -13.69 9.32
C LEU A 342 -1.90 -13.39 10.12
N LEU A 343 -2.81 -14.36 10.21
CA LEU A 343 -4.07 -14.13 10.89
C LEU A 343 -3.92 -14.12 12.40
N THR A 344 -2.75 -14.47 12.94
CA THR A 344 -2.47 -14.38 14.36
C THR A 344 -1.33 -13.39 14.64
N ASN A 345 -0.99 -12.55 13.67
CA ASN A 345 0.21 -11.74 13.75
C ASN A 345 0.05 -10.68 14.85
N PRO A 346 1.12 -10.41 15.62
CA PRO A 346 1.02 -9.40 16.68
C PRO A 346 0.74 -7.99 16.18
N LYS A 347 1.13 -7.65 14.95
CA LYS A 347 0.86 -6.32 14.41
C LYS A 347 -0.60 -6.27 13.95
N THR A 348 -1.39 -5.40 14.60
CA THR A 348 -2.81 -5.27 14.28
C THR A 348 -3.05 -5.07 12.79
N ASN A 349 -2.26 -4.20 12.14
CA ASN A 349 -2.48 -3.92 10.72
C ASN A 349 -2.25 -5.15 9.84
N ILE A 350 -1.32 -6.02 10.21
CA ILE A 350 -1.12 -7.26 9.44
C ILE A 350 -2.35 -8.15 9.55
N GLN A 351 -2.83 -8.36 10.77
CA GLN A 351 -4.03 -9.17 10.98
C GLN A 351 -5.21 -8.62 10.19
N LYS A 352 -5.38 -7.30 10.21
CA LYS A 352 -6.50 -6.67 9.53
C LYS A 352 -6.40 -6.88 8.02
N GLU A 353 -5.21 -6.62 7.46
CA GLU A 353 -5.01 -6.77 6.02
C GLU A 353 -5.08 -8.24 5.59
N ALA A 354 -4.58 -9.15 6.43
CA ALA A 354 -4.70 -10.57 6.13
C ALA A 354 -6.16 -11.02 6.13
N THR A 355 -6.94 -10.49 7.06
CA THR A 355 -8.35 -10.89 7.11
C THR A 355 -9.13 -10.28 5.95
N TRP A 356 -8.82 -9.03 5.59
CA TRP A 356 -9.36 -8.43 4.37
C TRP A 356 -9.04 -9.28 3.15
N THR A 357 -7.78 -9.67 3.00
CA THR A 357 -7.39 -10.57 1.91
C THR A 357 -8.23 -11.85 1.92
N MET A 358 -8.39 -12.48 3.09
CA MET A 358 -9.22 -13.69 3.18
C MET A 358 -10.65 -13.44 2.71
N SER A 359 -11.20 -12.27 3.04
CA SER A 359 -12.59 -11.96 2.67
C SER A 359 -12.77 -11.88 1.16
N ASN A 360 -11.73 -11.48 0.43
CA ASN A 360 -11.82 -11.46 -1.02
C ASN A 360 -11.48 -12.80 -1.63
N ILE A 361 -10.85 -13.71 -0.88
CA ILE A 361 -10.71 -15.07 -1.38
C ILE A 361 -12.01 -15.85 -1.14
N THR A 362 -12.65 -15.68 0.02
CA THR A 362 -13.90 -16.40 0.25
C THR A 362 -15.06 -15.82 -0.54
N ALA A 363 -14.86 -14.66 -1.19
CA ALA A 363 -15.78 -14.18 -2.21
C ALA A 363 -15.57 -14.85 -3.56
N GLY A 364 -14.66 -15.81 -3.65
CA GLY A 364 -14.32 -16.46 -4.90
C GLY A 364 -15.20 -17.66 -5.21
N ARG A 365 -14.66 -18.56 -6.02
CA ARG A 365 -15.35 -19.78 -6.43
C ARG A 365 -15.38 -20.80 -5.30
N GLN A 366 -16.26 -21.79 -5.46
CA GLN A 366 -16.41 -22.84 -4.45
C GLN A 366 -15.14 -23.68 -4.32
N ASP A 367 -14.41 -23.89 -5.41
CA ASP A 367 -13.13 -24.57 -5.28
C ASP A 367 -12.10 -23.70 -4.58
N GLN A 368 -12.25 -22.38 -4.62
CA GLN A 368 -11.33 -21.52 -3.89
C GLN A 368 -11.67 -21.49 -2.41
N ILE A 369 -12.96 -21.39 -2.09
CA ILE A 369 -13.40 -21.60 -0.70
C ILE A 369 -12.88 -22.94 -0.18
N GLN A 370 -12.87 -23.98 -1.04
CA GLN A 370 -12.44 -25.29 -0.58
C GLN A 370 -10.95 -25.29 -0.23
N GLN A 371 -10.14 -24.50 -0.94
CA GLN A 371 -8.74 -24.44 -0.56
C GLN A 371 -8.55 -23.70 0.76
N VAL A 372 -9.37 -22.68 1.04
CA VAL A 372 -9.38 -22.06 2.37
C VAL A 372 -9.66 -23.12 3.44
N VAL A 373 -10.67 -23.96 3.19
CA VAL A 373 -10.99 -25.05 4.11
C VAL A 373 -9.81 -25.99 4.27
N ASN A 374 -9.24 -26.46 3.15
CA ASN A 374 -8.19 -27.47 3.18
C ASN A 374 -6.93 -26.98 3.89
N HIS A 375 -6.63 -25.70 3.78
CA HIS A 375 -5.47 -25.14 4.49
C HIS A 375 -5.74 -24.92 5.97
N GLY A 376 -6.91 -25.29 6.46
CA GLY A 376 -7.23 -25.14 7.87
C GLY A 376 -7.51 -23.72 8.30
N LEU A 377 -7.92 -22.85 7.39
CA LEU A 377 -8.05 -21.44 7.73
C LEU A 377 -9.39 -21.07 8.34
N VAL A 378 -10.41 -21.91 8.27
CA VAL A 378 -11.70 -21.57 8.88
C VAL A 378 -11.56 -21.43 10.39
N PRO A 379 -10.86 -22.32 11.11
CA PRO A 379 -10.63 -22.05 12.54
C PRO A 379 -9.93 -20.72 12.81
N PHE A 380 -9.04 -20.29 11.91
CA PHE A 380 -8.38 -19.00 12.13
C PHE A 380 -9.35 -17.84 11.94
N LEU A 381 -10.30 -17.97 11.00
CA LEU A 381 -11.33 -16.95 10.87
C LEU A 381 -12.25 -16.95 12.09
N VAL A 382 -12.58 -18.13 12.62
CA VAL A 382 -13.32 -18.17 13.88
C VAL A 382 -12.55 -17.44 14.97
N GLY A 383 -11.23 -17.64 15.02
CA GLY A 383 -10.42 -16.97 16.03
C GLY A 383 -10.44 -15.46 15.92
N VAL A 384 -10.23 -14.91 14.72
CA VAL A 384 -10.22 -13.45 14.60
C VAL A 384 -11.60 -12.87 14.86
N LEU A 385 -12.65 -13.58 14.46
CA LEU A 385 -14.00 -13.13 14.80
C LEU A 385 -14.22 -13.13 16.31
N SER A 386 -13.66 -14.11 17.01
CA SER A 386 -13.82 -14.20 18.46
C SER A 386 -13.03 -13.12 19.21
N LYS A 387 -11.81 -12.83 18.75
CA LYS A 387 -10.96 -11.90 19.50
C LYS A 387 -9.98 -11.26 18.52
N ALA A 388 -10.13 -9.95 18.32
CA ALA A 388 -9.23 -9.16 17.49
C ALA A 388 -9.61 -7.70 17.69
N ASP A 389 -8.77 -6.81 17.18
CA ASP A 389 -9.15 -5.41 17.03
C ASP A 389 -10.47 -5.32 16.26
N PHE A 390 -11.32 -4.35 16.61
CA PHE A 390 -12.67 -4.35 16.06
C PHE A 390 -12.67 -4.25 14.53
N LYS A 391 -11.76 -3.47 13.96
CA LYS A 391 -11.67 -3.36 12.50
C LYS A 391 -11.31 -4.71 11.87
N THR A 392 -10.45 -5.48 12.54
CA THR A 392 -10.18 -6.84 12.07
C THR A 392 -11.41 -7.72 12.18
N GLN A 393 -12.17 -7.58 13.27
CA GLN A 393 -13.39 -8.36 13.44
C GLN A 393 -14.40 -8.03 12.35
N LYS A 394 -14.42 -6.77 11.90
CA LYS A 394 -15.32 -6.38 10.81
C LYS A 394 -14.90 -7.04 9.50
N GLU A 395 -13.60 -7.09 9.20
CA GLU A 395 -13.14 -7.81 8.01
C GLU A 395 -13.48 -9.29 8.10
N ALA A 396 -13.39 -9.88 9.30
CA ALA A 396 -13.72 -11.29 9.46
C ALA A 396 -15.22 -11.52 9.24
N ALA A 397 -16.06 -10.58 9.67
CA ALA A 397 -17.49 -10.71 9.41
C ALA A 397 -17.77 -10.70 7.91
N TRP A 398 -17.07 -9.85 7.16
CA TRP A 398 -17.16 -9.86 5.69
C TRP A 398 -16.70 -11.20 5.13
N ALA A 399 -15.59 -11.73 5.63
CA ALA A 399 -15.08 -13.01 5.13
C ALA A 399 -16.13 -14.10 5.31
N ILE A 400 -16.87 -14.07 6.42
CA ILE A 400 -17.88 -15.11 6.67
C ILE A 400 -19.10 -14.90 5.78
N THR A 401 -19.57 -13.65 5.65
CA THR A 401 -20.70 -13.40 4.78
C THR A 401 -20.39 -13.77 3.33
N ASN A 402 -19.17 -13.49 2.87
CA ASN A 402 -18.77 -13.90 1.52
C ASN A 402 -18.70 -15.42 1.40
N TYR A 403 -18.12 -16.09 2.40
CA TYR A 403 -18.07 -17.54 2.43
C TYR A 403 -19.47 -18.15 2.39
N THR A 404 -20.37 -17.68 3.25
CA THR A 404 -21.72 -18.25 3.30
C THR A 404 -22.52 -17.89 2.06
N SER A 405 -22.16 -16.81 1.38
CA SER A 405 -22.88 -16.40 0.18
C SER A 405 -22.58 -17.32 -1.00
N GLY A 406 -21.31 -17.69 -1.17
CA GLY A 406 -20.93 -18.50 -2.32
C GLY A 406 -20.60 -19.95 -2.03
N GLY A 407 -20.61 -20.36 -0.76
CA GLY A 407 -20.19 -21.71 -0.43
C GLY A 407 -21.29 -22.75 -0.69
N THR A 408 -20.86 -24.01 -0.77
CA THR A 408 -21.81 -25.12 -0.80
C THR A 408 -22.44 -25.31 0.57
N VAL A 409 -23.51 -26.11 0.60
CA VAL A 409 -24.13 -26.50 1.86
C VAL A 409 -23.10 -27.17 2.78
N GLU A 410 -22.31 -28.11 2.24
CA GLU A 410 -21.32 -28.82 3.05
C GLU A 410 -20.25 -27.88 3.60
N GLN A 411 -19.84 -26.89 2.80
CA GLN A 411 -18.87 -25.91 3.29
C GLN A 411 -19.49 -25.07 4.40
N ILE A 412 -20.76 -24.69 4.24
CA ILE A 412 -21.43 -23.90 5.28
C ILE A 412 -21.64 -24.74 6.54
N VAL A 413 -22.02 -26.02 6.38
CA VAL A 413 -22.12 -26.91 7.55
C VAL A 413 -20.79 -26.97 8.29
N TYR A 414 -19.69 -27.08 7.54
CA TYR A 414 -18.36 -27.16 8.14
C TYR A 414 -18.06 -25.89 8.95
N LEU A 415 -18.39 -24.73 8.38
CA LEU A 415 -18.23 -23.46 9.09
C LEU A 415 -18.90 -23.48 10.45
N VAL A 416 -20.15 -23.97 10.50
CA VAL A 416 -20.84 -24.05 11.78
C VAL A 416 -20.15 -25.03 12.73
N HIS A 417 -19.75 -26.20 12.22
N HIS A 417 -19.75 -26.19 12.23
CA HIS A 417 -19.04 -27.17 13.08
CA HIS A 417 -19.07 -27.16 13.07
C HIS A 417 -17.78 -26.57 13.69
C HIS A 417 -17.75 -26.64 13.63
N CYS A 418 -17.17 -25.59 13.02
CA CYS A 418 -15.96 -24.97 13.56
C CYS A 418 -16.25 -23.93 14.63
N GLY A 419 -17.53 -23.62 14.89
CA GLY A 419 -17.89 -22.74 15.96
C GLY A 419 -18.16 -21.30 15.59
N ILE A 420 -18.64 -21.02 14.38
CA ILE A 420 -18.78 -19.63 13.96
C ILE A 420 -19.96 -18.93 14.64
N ILE A 421 -20.95 -19.68 15.14
CA ILE A 421 -22.22 -19.07 15.51
C ILE A 421 -22.06 -18.16 16.73
N GLU A 422 -21.39 -18.65 17.77
CA GLU A 422 -21.29 -17.85 18.98
C GLU A 422 -20.51 -16.55 18.77
N PRO A 423 -19.30 -16.54 18.20
CA PRO A 423 -18.62 -15.25 18.01
C PRO A 423 -19.36 -14.33 17.03
N LEU A 424 -20.11 -14.90 16.10
CA LEU A 424 -20.95 -14.10 15.22
C LEU A 424 -22.06 -13.40 16.01
N MET A 425 -22.74 -14.14 16.88
CA MET A 425 -23.81 -13.55 17.70
C MET A 425 -23.28 -12.51 18.66
N ASN A 426 -22.09 -12.73 19.22
CA ASN A 426 -21.52 -11.76 20.15
C ASN A 426 -21.27 -10.41 19.49
N LEU A 427 -20.93 -10.40 18.21
CA LEU A 427 -20.65 -9.13 17.55
C LEU A 427 -21.92 -8.37 17.17
N LEU A 428 -23.10 -8.94 17.38
CA LEU A 428 -24.33 -8.20 17.15
C LEU A 428 -24.57 -7.10 18.16
N SER A 429 -23.71 -7.00 19.19
CA SER A 429 -23.74 -5.92 20.15
C SER A 429 -22.83 -4.75 19.75
N ALA A 430 -22.22 -4.81 18.57
CA ALA A 430 -21.33 -3.74 18.16
C ALA A 430 -22.13 -2.49 17.81
N LYS A 431 -21.60 -1.32 18.20
CA LYS A 431 -22.25 -0.06 17.87
C LYS A 431 -22.26 0.22 16.38
N ASP A 432 -21.44 -0.50 15.60
CA ASP A 432 -21.32 -0.25 14.18
C ASP A 432 -22.49 -0.86 13.43
N THR A 433 -23.18 -0.03 12.64
CA THR A 433 -24.37 -0.50 11.95
C THR A 433 -24.02 -1.45 10.82
N LYS A 434 -22.93 -1.18 10.10
CA LYS A 434 -22.59 -2.00 8.94
C LYS A 434 -22.29 -3.44 9.31
N ILE A 435 -21.55 -3.66 10.40
CA ILE A 435 -21.21 -5.02 10.77
C ILE A 435 -22.46 -5.79 11.20
N ILE A 436 -23.42 -5.11 11.81
CA ILE A 436 -24.70 -5.76 12.13
C ILE A 436 -25.38 -6.25 10.87
N GLN A 437 -25.41 -5.39 9.83
CA GLN A 437 -26.01 -5.80 8.57
C GLN A 437 -25.27 -7.00 7.99
N VAL A 438 -23.94 -6.94 7.98
CA VAL A 438 -23.13 -8.02 7.43
C VAL A 438 -23.40 -9.33 8.18
N ILE A 439 -23.52 -9.27 9.50
CA ILE A 439 -23.72 -10.49 10.27
C ILE A 439 -25.09 -11.09 10.00
N LEU A 440 -26.14 -10.25 10.00
CA LEU A 440 -27.49 -10.76 9.76
C LEU A 440 -27.61 -11.38 8.39
N ASP A 441 -26.94 -10.79 7.39
CA ASP A 441 -26.85 -11.40 6.07
C ASP A 441 -26.25 -12.80 6.15
N ALA A 442 -25.14 -12.95 6.90
CA ALA A 442 -24.50 -14.25 7.00
C ALA A 442 -25.42 -15.26 7.69
N ILE A 443 -26.08 -14.84 8.76
CA ILE A 443 -27.02 -15.73 9.45
C ILE A 443 -28.14 -16.15 8.51
N SER A 444 -28.62 -15.21 7.69
CA SER A 444 -29.61 -15.56 6.67
C SER A 444 -29.06 -16.62 5.71
N ASN A 445 -27.83 -16.44 5.25
CA ASN A 445 -27.23 -17.43 4.35
C ASN A 445 -27.09 -18.80 5.02
N ILE A 446 -26.78 -18.82 6.32
CA ILE A 446 -26.60 -20.09 7.00
C ILE A 446 -27.94 -20.79 7.18
N PHE A 447 -28.99 -20.04 7.53
CA PHE A 447 -30.34 -20.62 7.60
C PHE A 447 -30.75 -21.18 6.25
N GLN A 448 -30.39 -20.49 5.16
CA GLN A 448 -30.70 -21.00 3.83
C GLN A 448 -30.07 -22.37 3.61
N ALA A 449 -28.83 -22.55 4.07
CA ALA A 449 -28.22 -23.87 4.00
C ALA A 449 -28.97 -24.87 4.87
N ALA A 450 -29.38 -24.44 6.07
CA ALA A 450 -30.12 -25.32 6.97
C ALA A 450 -31.50 -25.66 6.42
N GLU A 451 -32.07 -24.78 5.59
CA GLU A 451 -33.35 -25.09 4.97
C GLU A 451 -33.24 -26.29 4.03
N LYS A 452 -32.15 -26.36 3.26
CA LYS A 452 -31.95 -27.46 2.34
C LYS A 452 -31.65 -28.76 3.05
N LEU A 453 -31.28 -28.72 4.33
CA LEU A 453 -31.07 -29.92 5.11
C LEU A 453 -32.22 -30.23 6.05
N GLY A 454 -33.24 -29.37 6.11
CA GLY A 454 -34.31 -29.53 7.07
C GLY A 454 -33.93 -29.28 8.50
N GLU A 455 -32.81 -28.59 8.74
CA GLU A 455 -32.25 -28.43 10.07
C GLU A 455 -32.37 -27.00 10.59
N THR A 456 -33.36 -26.25 10.10
CA THR A 456 -33.51 -24.87 10.52
C THR A 456 -33.77 -24.75 12.01
N GLU A 457 -34.43 -25.74 12.62
CA GLU A 457 -34.73 -25.66 14.04
C GLU A 457 -33.48 -25.85 14.89
N LYS A 458 -32.69 -26.89 14.59
CA LYS A 458 -31.47 -27.13 15.34
C LYS A 458 -30.54 -25.92 15.32
N LEU A 459 -30.54 -25.16 14.22
CA LEU A 459 -29.70 -23.97 14.17
C LEU A 459 -30.30 -22.86 15.03
N SER A 460 -31.60 -22.65 14.96
CA SER A 460 -32.24 -21.65 15.80
C SER A 460 -32.11 -21.98 17.28
N ILE A 461 -31.96 -23.26 17.62
CA ILE A 461 -31.61 -23.63 19.00
C ILE A 461 -30.21 -23.13 19.34
N MET A 462 -29.23 -23.43 18.48
CA MET A 462 -27.87 -22.95 18.69
C MET A 462 -27.84 -21.44 18.87
N ILE A 463 -28.60 -20.72 18.04
CA ILE A 463 -28.58 -19.26 18.10
C ILE A 463 -29.24 -18.76 19.38
N GLU A 464 -30.34 -19.38 19.80
CA GLU A 464 -30.95 -19.01 21.06
C GLU A 464 -30.09 -19.47 22.23
N GLU A 465 -29.46 -20.64 22.11
CA GLU A 465 -28.69 -21.22 23.21
C GLU A 465 -27.53 -20.32 23.64
N CYS A 466 -26.95 -19.56 22.70
CA CYS A 466 -25.82 -18.70 23.03
C CYS A 466 -26.21 -17.24 23.17
N GLY A 467 -27.50 -16.95 23.33
CA GLY A 467 -27.94 -15.59 23.52
C GLY A 467 -28.09 -14.78 22.25
N GLY A 468 -28.04 -15.42 21.08
CA GLY A 468 -28.19 -14.68 19.84
C GLY A 468 -29.61 -14.28 19.55
N LEU A 469 -30.58 -15.07 20.03
CA LEU A 469 -31.98 -14.78 19.74
C LEU A 469 -32.42 -13.47 20.36
N ASP A 470 -31.95 -13.16 21.57
CA ASP A 470 -32.31 -11.90 22.20
C ASP A 470 -31.71 -10.71 21.47
N LYS A 471 -30.47 -10.84 20.99
CA LYS A 471 -29.86 -9.77 20.23
C LYS A 471 -30.60 -9.53 18.92
N ILE A 472 -31.16 -10.58 18.34
CA ILE A 472 -32.10 -10.43 17.24
C ILE A 472 -33.35 -9.68 17.68
N GLU A 473 -33.83 -10.00 18.88
CA GLU A 473 -34.97 -9.29 19.46
C GLU A 473 -34.66 -7.82 19.69
N ALA A 474 -33.46 -7.54 20.17
CA ALA A 474 -33.04 -6.16 20.43
C ALA A 474 -32.99 -5.35 19.14
N LEU A 475 -32.51 -5.97 18.08
CA LEU A 475 -32.21 -5.28 16.83
C LEU A 475 -33.45 -4.92 16.03
N GLN A 476 -34.60 -5.56 16.24
CA GLN A 476 -35.82 -4.97 15.70
C GLN A 476 -36.43 -3.95 16.66
N ARG A 477 -35.58 -3.29 17.46
CA ARG A 477 -35.84 -1.97 18.01
C ARG A 477 -34.65 -1.06 17.75
N HIS A 478 -33.82 -1.40 16.77
CA HIS A 478 -32.57 -0.70 16.51
C HIS A 478 -32.81 0.41 15.49
N GLU A 479 -32.29 1.60 15.81
CA GLU A 479 -32.65 2.82 15.09
C GLU A 479 -32.50 2.67 13.59
N ASN A 480 -31.34 2.20 13.13
CA ASN A 480 -30.99 2.36 11.72
C ASN A 480 -31.97 1.64 10.82
N GLU A 481 -32.32 2.30 9.72
CA GLU A 481 -33.25 1.80 8.73
C GLU A 481 -33.02 0.32 8.45
N SER A 482 -31.75 -0.06 8.33
CA SER A 482 -31.40 -1.37 7.81
C SER A 482 -30.83 -2.27 8.91
N VAL A 483 -31.71 -2.68 9.83
CA VAL A 483 -31.53 -3.93 10.57
C VAL A 483 -32.87 -4.64 10.71
N TYR A 484 -33.97 -3.91 10.55
CA TYR A 484 -35.32 -4.43 10.82
C TYR A 484 -35.70 -5.60 9.93
N LYS A 485 -35.90 -5.31 8.65
CA LYS A 485 -36.28 -6.28 7.62
C LYS A 485 -35.57 -7.62 7.76
N ALA A 486 -34.32 -7.63 8.23
CA ALA A 486 -33.59 -8.88 8.42
C ALA A 486 -33.91 -9.51 9.77
N SER A 487 -33.84 -8.72 10.84
CA SER A 487 -34.31 -9.19 12.14
C SER A 487 -35.73 -9.70 12.04
N LEU A 488 -36.64 -8.84 11.58
CA LEU A 488 -38.02 -9.20 11.26
C LEU A 488 -38.11 -10.56 10.59
N ASN A 489 -37.49 -10.68 9.41
CA ASN A 489 -37.68 -11.87 8.58
C ASN A 489 -37.09 -13.10 9.24
N LEU A 490 -35.88 -12.98 9.82
CA LEU A 490 -35.29 -14.13 10.50
C LEU A 490 -36.20 -14.66 11.60
N ILE A 491 -37.04 -13.79 12.16
CA ILE A 491 -37.91 -14.20 13.25
C ILE A 491 -39.15 -14.89 12.69
N GLU A 492 -39.85 -14.18 11.81
CA GLU A 492 -40.94 -14.76 11.06
C GLU A 492 -40.61 -16.17 10.56
N LYS A 493 -39.38 -16.41 10.06
CA LYS A 493 -39.14 -17.68 9.37
C LYS A 493 -38.64 -18.79 10.30
N TYR A 494 -37.94 -18.46 11.40
CA TYR A 494 -37.23 -19.49 12.14
C TYR A 494 -37.42 -19.42 13.66
N PHE A 495 -38.10 -18.41 14.19
CA PHE A 495 -38.16 -18.26 15.63
C PHE A 495 -39.56 -18.08 16.25
N SER A 496 -40.62 -18.09 15.46
CA SER A 496 -41.96 -17.94 16.04
C SER A 496 -42.89 -19.10 15.67
N GLY B 1 0.45 4.20 3.91
CA GLY B 1 1.66 3.84 3.18
C GLY B 1 2.92 4.47 3.74
N PRO B 2 4.05 4.27 3.05
CA PRO B 2 5.34 4.81 3.51
C PRO B 2 5.42 6.30 3.21
N PRO B 3 6.50 6.98 3.63
CA PRO B 3 6.60 8.43 3.39
C PRO B 3 6.64 8.80 1.91
N LYS B 4 5.92 9.86 1.57
CA LYS B 4 5.92 10.34 0.18
C LYS B 4 7.25 11.01 -0.17
N LYS B 5 7.89 11.65 0.80
CA LYS B 5 9.07 12.48 0.55
C LYS B 5 10.12 12.19 1.60
N ARG B 6 11.38 12.50 1.28
CA ARG B 6 12.51 12.26 2.19
C ARG B 6 13.47 13.44 2.13
N ALA B 7 13.81 13.96 3.30
CA ALA B 7 14.88 14.94 3.44
C ALA B 7 16.21 14.24 3.65
N LYS B 8 17.27 14.79 3.08
CA LYS B 8 18.62 14.28 3.30
C LYS B 8 19.26 15.04 4.45
N VAL B 9 19.48 14.36 5.58
CA VAL B 9 19.95 15.01 6.80
C VAL B 9 21.40 14.66 7.08
N ASP B 10 22.07 15.58 7.76
CA ASP B 10 23.51 15.51 8.07
C ASP B 10 24.38 15.07 6.89
N PRO C 2 -21.58 -12.74 -3.60
CA PRO C 2 -20.19 -12.64 -3.12
C PRO C 2 -19.37 -11.63 -3.90
N PRO C 3 -19.38 -10.36 -3.48
CA PRO C 3 -18.61 -9.33 -4.19
C PRO C 3 -17.29 -8.96 -3.52
N LYS C 4 -16.26 -8.74 -4.32
CA LYS C 4 -14.95 -8.36 -3.79
C LYS C 4 -14.90 -6.88 -3.46
N LYS C 5 -14.28 -6.54 -2.33
CA LYS C 5 -14.23 -5.17 -1.82
C LYS C 5 -12.80 -4.64 -1.90
N ARG C 6 -12.63 -3.52 -2.61
CA ARG C 6 -11.37 -2.80 -2.72
C ARG C 6 -11.30 -1.80 -1.54
N ALA C 7 -10.15 -1.14 -1.28
CA ALA C 7 -8.89 -1.25 -2.01
C ALA C 7 -7.71 -1.40 -1.05
#